data_9SHC
#
_entry.id   9SHC
#
_cell.length_a   150.365
_cell.length_b   72.888
_cell.length_c   78.881
_cell.angle_alpha   90.000
_cell.angle_beta   117.420
_cell.angle_gamma   90.000
#
_symmetry.space_group_name_H-M   'C 1 2 1'
#
loop_
_entity.id
_entity.type
_entity.pdbx_description
1 polymer 'Methionine--tRNA ligase'
2 non-polymer '[(2~{R},3~{S},4~{R},5~{R})-5-(6-aminopurin-9-yl)-3,4-bis(oxidanyl)oxolan-2-yl]methyl ~{N}-[(2~{S})-2-azanyl-4-methylsulfanyl-butanoyl]sulfamate'
3 water water
#
_entity_poly.entity_id   1
_entity_poly.type   'polypeptide(L)'
_entity_poly.pdbx_seq_one_letter_code
;MSEKNFYITTPIYYPSGKLHIGSAYTTIACDVLARYKRLMGYDVFYLTGLDEHGQKIQQKAEEAGITPQAYVDGMAVGVK
ELWQLLDISYDKFIRTTDDYHEKVVAQVFERLLAQDDIYLGEYSGWYSVSDEEFFTESQLAEVFRDEAGNVTGGIAPSGH
EVEWVSEESYFLRLSKYQDRLVEFFKAHPEFITPDGRLNEMLRNFIEPGLEDLAVSRTTFTWGVPVPSNPKHVVYVWIDA
LLNYATALGYAQDEHGNFDKFWNGTVFHMVGKDILRFHSIYWPILLMMLDVKLPDRLIAHGWFVMKDGKMSKSKGNVVYP
EMLVERYGLDPLRYYLMRNLPVGSDGTFTPEDYVGRINYELANDLGNLLNRTVSMINKYFDGQIPAYVEGVTEFDHVLAE
VAEQSIADFHTHMEAVDYPRALEAVWTLISRTNKYIDETAPWVLAKDEALRDQLASVMSHLAASIRVVAHLIEPFMMETS
RAVLTQLGLEEVSSLENLSLADFPADVTVVAKGTPIFPRLNMEEEIAYIKEQMEGNKPAVEKEWNPDEVELKLNKDEIKF
EDFDKVEIRVAEVKEVSKVEGSDKLLQFRLDAGDGEDRQILSGIAKYYPNEQELVGKKVQIVANLKPRKMMKKYVSQGMI
LSAEHDGKLTLLTVDPAVPNGSVIG
;
_entity_poly.pdbx_strand_id   A
#
# COMPACT_ATOMS: atom_id res chain seq x y z
N GLU A 3 -6.36 -14.81 14.34
CA GLU A 3 -5.93 -14.20 15.63
C GLU A 3 -6.36 -12.73 15.65
N LYS A 4 -5.51 -11.85 16.21
CA LYS A 4 -5.71 -10.41 16.29
C LYS A 4 -6.28 -9.81 15.01
N ASN A 5 -7.07 -8.74 15.21
CA ASN A 5 -7.78 -8.07 14.13
C ASN A 5 -6.92 -6.94 13.58
N PHE A 6 -6.92 -6.78 12.26
CA PHE A 6 -6.11 -5.76 11.60
C PHE A 6 -6.91 -5.12 10.48
N TYR A 7 -6.98 -3.78 10.50
CA TYR A 7 -7.73 -3.02 9.51
C TYR A 7 -6.80 -2.02 8.83
N ILE A 8 -6.74 -2.08 7.49
CA ILE A 8 -5.92 -1.16 6.68
C ILE A 8 -6.82 -0.51 5.64
N THR A 9 -6.62 0.80 5.41
CA THR A 9 -7.43 1.56 4.49
C THR A 9 -6.53 2.36 3.53
N THR A 10 -7.00 2.55 2.30
CA THR A 10 -6.44 3.56 1.41
C THR A 10 -7.23 4.85 1.62
N PRO A 11 -6.73 6.00 1.14
CA PRO A 11 -7.60 7.13 0.88
C PRO A 11 -8.70 6.72 -0.10
N ILE A 12 -9.83 7.41 -0.05
CA ILE A 12 -10.83 7.25 -1.09
C ILE A 12 -10.58 8.36 -2.11
N TYR A 13 -10.20 7.96 -3.33
CA TYR A 13 -9.65 8.87 -4.30
C TYR A 13 -10.79 9.65 -4.97
N TYR A 14 -10.48 10.85 -5.44
CA TYR A 14 -11.41 11.63 -6.25
C TYR A 14 -11.51 10.95 -7.61
N PRO A 15 -12.73 10.64 -8.10
CA PRO A 15 -12.91 10.15 -9.46
C PRO A 15 -12.97 11.28 -10.47
N SER A 16 -11.87 12.04 -10.60
CA SER A 16 -11.85 13.22 -11.44
C SER A 16 -11.01 12.97 -12.70
N GLY A 17 -10.62 11.70 -12.93
CA GLY A 17 -9.87 11.33 -14.12
C GLY A 17 -9.44 9.87 -14.08
N LYS A 18 -8.77 9.43 -15.15
CA LYS A 18 -8.19 8.09 -15.22
C LYS A 18 -6.92 8.05 -14.38
N LEU A 19 -6.79 6.99 -13.58
CA LEU A 19 -5.77 6.94 -12.53
C LEU A 19 -4.41 6.59 -13.14
N HIS A 20 -3.37 7.29 -12.65
CA HIS A 20 -2.00 7.01 -13.02
C HIS A 20 -1.32 6.22 -11.90
N ILE A 21 0.01 6.07 -12.01
CA ILE A 21 0.80 5.32 -11.06
C ILE A 21 0.56 5.82 -9.63
N GLY A 22 0.38 7.14 -9.48
CA GLY A 22 0.21 7.77 -8.18
C GLY A 22 -0.78 7.03 -7.29
N SER A 23 -2.03 6.87 -7.76
CA SER A 23 -3.07 6.28 -6.95
C SER A 23 -2.90 4.77 -6.88
N ALA A 24 -2.35 4.18 -7.96
CA ALA A 24 -2.00 2.78 -7.96
C ALA A 24 -1.01 2.48 -6.83
N TYR A 25 -0.08 3.40 -6.60
CA TYR A 25 0.99 3.17 -5.62
C TYR A 25 0.37 2.79 -4.27
N THR A 26 -0.53 3.63 -3.76
CA THR A 26 -1.03 3.48 -2.40
C THR A 26 -1.90 2.24 -2.28
N THR A 27 -2.70 1.96 -3.32
CA THR A 27 -3.60 0.82 -3.33
C THR A 27 -2.79 -0.47 -3.36
N ILE A 28 -1.69 -0.52 -4.14
CA ILE A 28 -0.81 -1.67 -4.15
C ILE A 28 -0.13 -1.80 -2.79
N ALA A 29 0.28 -0.67 -2.20
CA ALA A 29 1.00 -0.68 -0.93
C ALA A 29 0.12 -1.28 0.18
N CYS A 30 -1.16 -0.88 0.24
CA CYS A 30 -2.06 -1.44 1.24
C CYS A 30 -2.39 -2.90 0.94
N ASP A 31 -2.45 -3.26 -0.34
CA ASP A 31 -2.69 -4.64 -0.75
C ASP A 31 -1.55 -5.53 -0.25
N VAL A 32 -0.31 -5.06 -0.43
CA VAL A 32 0.86 -5.78 0.03
C VAL A 32 0.76 -6.01 1.54
N LEU A 33 0.41 -4.96 2.29
CA LEU A 33 0.35 -5.05 3.75
C LEU A 33 -0.76 -6.01 4.19
N ALA A 34 -1.93 -5.95 3.52
CA ALA A 34 -3.05 -6.83 3.84
C ALA A 34 -2.69 -8.29 3.59
N ARG A 35 -2.12 -8.56 2.41
CA ARG A 35 -1.68 -9.90 2.04
C ARG A 35 -0.70 -10.45 3.07
N TYR A 36 0.24 -9.60 3.49
CA TYR A 36 1.27 -9.99 4.44
C TYR A 36 0.62 -10.33 5.79
N LYS A 37 -0.24 -9.44 6.27
CA LYS A 37 -0.86 -9.61 7.58
C LYS A 37 -1.69 -10.88 7.61
N ARG A 38 -2.36 -11.21 6.50
CA ARG A 38 -3.11 -12.45 6.39
C ARG A 38 -2.15 -13.64 6.50
N LEU A 39 -1.01 -13.56 5.79
CA LEU A 39 -0.05 -14.64 5.78
C LEU A 39 0.64 -14.77 7.14
N MET A 40 0.55 -13.73 7.97
CA MET A 40 1.07 -13.78 9.32
C MET A 40 -0.02 -14.21 10.30
N GLY A 41 -1.18 -14.61 9.77
CA GLY A 41 -2.24 -15.20 10.56
C GLY A 41 -3.05 -14.16 11.31
N TYR A 42 -3.17 -12.94 10.75
CA TYR A 42 -4.05 -11.93 11.30
C TYR A 42 -5.41 -12.05 10.62
N ASP A 43 -6.46 -11.65 11.36
CA ASP A 43 -7.79 -11.47 10.81
C ASP A 43 -7.86 -10.06 10.22
N VAL A 44 -7.96 -9.98 8.89
CA VAL A 44 -7.65 -8.76 8.16
C VAL A 44 -8.87 -8.24 7.43
N PHE A 45 -9.06 -6.92 7.47
CA PHE A 45 -10.01 -6.22 6.61
C PHE A 45 -9.29 -5.10 5.87
N TYR A 46 -9.49 -5.03 4.55
CA TYR A 46 -8.86 -4.01 3.72
C TYR A 46 -9.91 -3.26 2.91
N LEU A 47 -10.02 -1.95 3.16
CA LEU A 47 -10.97 -1.07 2.50
C LEU A 47 -10.26 -0.16 1.49
N THR A 48 -10.92 0.07 0.35
CA THR A 48 -10.62 1.18 -0.52
C THR A 48 -11.94 1.76 -1.04
N GLY A 49 -11.87 2.75 -1.92
CA GLY A 49 -13.08 3.28 -2.53
C GLY A 49 -12.90 4.67 -3.12
N LEU A 50 -14.02 5.41 -3.26
CA LEU A 50 -14.04 6.63 -4.04
C LEU A 50 -14.79 7.73 -3.30
N ASP A 51 -14.29 8.96 -3.45
CA ASP A 51 -14.79 10.15 -2.79
C ASP A 51 -15.50 11.01 -3.85
N GLU A 52 -16.84 10.96 -3.86
CA GLU A 52 -17.57 11.27 -5.07
C GLU A 52 -18.23 12.65 -5.05
N HIS A 53 -18.36 13.26 -3.87
CA HIS A 53 -19.03 14.55 -3.76
C HIS A 53 -18.02 15.66 -4.05
N GLY A 54 -18.54 16.88 -4.24
CA GLY A 54 -17.70 18.07 -4.36
C GLY A 54 -18.09 18.94 -5.56
N GLN A 55 -17.57 20.16 -5.54
CA GLN A 55 -17.85 21.22 -6.50
C GLN A 55 -17.32 20.86 -7.88
N LYS A 56 -16.04 20.44 -7.92
CA LYS A 56 -15.37 20.17 -9.19
C LYS A 56 -16.06 19.00 -9.91
N ILE A 57 -16.37 17.95 -9.15
CA ILE A 57 -17.01 16.77 -9.71
C ILE A 57 -18.35 17.16 -10.35
N GLN A 58 -19.09 18.05 -9.69
CA GLN A 58 -20.38 18.50 -10.18
C GLN A 58 -20.21 19.26 -11.50
N GLN A 59 -19.13 20.04 -11.61
CA GLN A 59 -18.83 20.80 -12.81
C GLN A 59 -18.54 19.85 -13.98
N LYS A 60 -17.66 18.88 -13.76
CA LYS A 60 -17.36 17.86 -14.75
C LYS A 60 -18.64 17.28 -15.33
N ALA A 61 -19.58 16.90 -14.45
CA ALA A 61 -20.80 16.23 -14.84
C ALA A 61 -21.65 17.11 -15.77
N GLU A 62 -21.65 18.41 -15.52
CA GLU A 62 -22.44 19.35 -16.31
C GLU A 62 -21.76 19.61 -17.65
N GLU A 63 -20.43 19.63 -17.68
CA GLU A 63 -19.68 19.68 -18.93
C GLU A 63 -19.99 18.45 -19.78
N ALA A 64 -20.16 17.29 -19.12
CA ALA A 64 -20.47 16.04 -19.80
C ALA A 64 -21.92 16.02 -20.28
N GLY A 65 -22.80 16.69 -19.52
CA GLY A 65 -24.20 16.81 -19.87
C GLY A 65 -25.06 15.71 -19.24
N ILE A 66 -24.67 15.26 -18.04
CA ILE A 66 -25.37 14.21 -17.33
C ILE A 66 -25.39 14.58 -15.84
N THR A 67 -26.16 13.83 -15.04
CA THR A 67 -26.24 14.07 -13.60
C THR A 67 -24.91 13.70 -12.93
N PRO A 68 -24.60 14.26 -11.74
CA PRO A 68 -23.43 13.85 -10.98
C PRO A 68 -23.34 12.35 -10.73
N GLN A 69 -24.48 11.72 -10.43
CA GLN A 69 -24.52 10.30 -10.10
C GLN A 69 -24.03 9.47 -11.28
N ALA A 70 -24.57 9.73 -12.47
CA ALA A 70 -24.21 8.98 -13.67
C ALA A 70 -22.74 9.20 -14.03
N TYR A 71 -22.22 10.40 -13.74
CA TYR A 71 -20.83 10.72 -14.03
C TYR A 71 -19.91 9.88 -13.14
N VAL A 72 -20.18 9.85 -11.83
CA VAL A 72 -19.32 9.13 -10.90
C VAL A 72 -19.48 7.63 -11.12
N ASP A 73 -20.68 7.20 -11.53
CA ASP A 73 -20.93 5.81 -11.90
C ASP A 73 -20.02 5.42 -13.07
N GLY A 74 -19.86 6.34 -14.04
CA GLY A 74 -18.95 6.13 -15.15
C GLY A 74 -17.53 5.86 -14.66
N MET A 75 -17.07 6.67 -13.71
CA MET A 75 -15.70 6.64 -13.22
C MET A 75 -15.43 5.39 -12.39
N ALA A 76 -16.39 4.99 -11.56
CA ALA A 76 -16.20 3.90 -10.61
C ALA A 76 -15.93 2.58 -11.35
N VAL A 77 -16.54 2.41 -12.53
CA VAL A 77 -16.35 1.22 -13.34
C VAL A 77 -14.88 1.10 -13.75
N GLY A 78 -14.30 2.21 -14.22
CA GLY A 78 -12.90 2.24 -14.65
C GLY A 78 -11.94 1.90 -13.51
N VAL A 79 -12.21 2.45 -12.31
CA VAL A 79 -11.36 2.23 -11.16
C VAL A 79 -11.40 0.76 -10.74
N LYS A 80 -12.60 0.16 -10.69
CA LYS A 80 -12.72 -1.24 -10.31
C LYS A 80 -11.99 -2.13 -11.32
N GLU A 81 -12.03 -1.73 -12.61
CA GLU A 81 -11.31 -2.46 -13.65
C GLU A 81 -9.80 -2.41 -13.39
N LEU A 82 -9.28 -1.24 -13.00
CA LEU A 82 -7.85 -1.09 -12.75
C LEU A 82 -7.43 -1.94 -11.54
N TRP A 83 -8.23 -1.96 -10.46
CA TRP A 83 -7.89 -2.73 -9.28
C TRP A 83 -7.92 -4.23 -9.57
N GLN A 84 -8.75 -4.62 -10.55
CA GLN A 84 -8.82 -6.00 -11.01
C GLN A 84 -7.51 -6.36 -11.74
N LEU A 85 -7.03 -5.44 -12.58
CA LEU A 85 -5.78 -5.64 -13.30
C LEU A 85 -4.60 -5.80 -12.35
N LEU A 86 -4.59 -5.05 -11.23
CA LEU A 86 -3.44 -5.00 -10.34
C LEU A 86 -3.58 -6.00 -9.20
N ASP A 87 -4.66 -6.80 -9.21
CA ASP A 87 -4.90 -7.89 -8.26
C ASP A 87 -5.01 -7.34 -6.84
N ILE A 88 -5.92 -6.38 -6.66
CA ILE A 88 -6.14 -5.73 -5.38
C ILE A 88 -7.21 -6.49 -4.61
N SER A 89 -6.83 -7.04 -3.45
CA SER A 89 -7.66 -7.97 -2.68
C SER A 89 -8.46 -7.24 -1.61
N TYR A 90 -9.09 -6.13 -1.97
CA TYR A 90 -9.90 -5.38 -1.03
C TYR A 90 -11.09 -6.23 -0.60
N ASP A 91 -11.45 -6.13 0.68
CA ASP A 91 -12.58 -6.85 1.24
C ASP A 91 -13.87 -6.05 1.03
N LYS A 92 -13.74 -4.75 0.77
CA LYS A 92 -14.89 -3.92 0.49
C LYS A 92 -14.46 -2.69 -0.31
N PHE A 93 -15.39 -2.23 -1.18
CA PHE A 93 -15.24 -1.00 -1.94
C PHE A 93 -16.37 -0.06 -1.54
N ILE A 94 -16.02 1.14 -1.05
CA ILE A 94 -17.01 2.10 -0.60
C ILE A 94 -17.03 3.31 -1.53
N ARG A 95 -18.26 3.77 -1.80
CA ARG A 95 -18.49 4.99 -2.57
C ARG A 95 -19.32 5.92 -1.69
N THR A 96 -19.02 7.23 -1.74
CA THR A 96 -19.66 8.15 -0.82
C THR A 96 -21.10 8.46 -1.26
N THR A 97 -21.50 8.07 -2.48
CA THR A 97 -22.89 8.20 -2.91
C THR A 97 -23.69 6.97 -2.51
N ASP A 98 -23.04 5.98 -1.87
CA ASP A 98 -23.77 4.86 -1.30
C ASP A 98 -24.73 5.38 -0.23
N ASP A 99 -25.98 4.90 -0.26
CA ASP A 99 -27.07 5.41 0.56
C ASP A 99 -26.73 5.31 2.05
N TYR A 100 -26.32 4.13 2.49
CA TYR A 100 -26.02 3.89 3.90
C TYR A 100 -24.98 4.90 4.39
N HIS A 101 -24.04 5.29 3.51
CA HIS A 101 -22.98 6.21 3.90
C HIS A 101 -23.52 7.61 4.09
N GLU A 102 -24.30 8.09 3.12
CA GLU A 102 -24.86 9.44 3.13
C GLU A 102 -25.77 9.62 4.35
N LYS A 103 -26.53 8.59 4.71
CA LYS A 103 -27.41 8.67 5.87
C LYS A 103 -26.59 8.89 7.14
N VAL A 104 -25.55 8.07 7.34
CA VAL A 104 -24.75 8.15 8.55
C VAL A 104 -24.11 9.53 8.65
N VAL A 105 -23.72 10.11 7.51
CA VAL A 105 -23.07 11.41 7.52
C VAL A 105 -24.05 12.46 8.03
N ALA A 106 -25.32 12.33 7.61
CA ALA A 106 -26.37 13.24 8.03
C ALA A 106 -26.61 13.13 9.53
N GLN A 107 -26.67 11.90 10.05
CA GLN A 107 -26.93 11.66 11.46
C GLN A 107 -25.77 12.19 12.32
N VAL A 108 -24.53 11.88 11.91
CA VAL A 108 -23.36 12.34 12.62
C VAL A 108 -23.38 13.86 12.72
N PHE A 109 -23.65 14.54 11.60
CA PHE A 109 -23.65 15.98 11.58
C PHE A 109 -24.66 16.50 12.60
N GLU A 110 -25.87 15.91 12.57
CA GLU A 110 -26.96 16.29 13.46
C GLU A 110 -26.55 16.02 14.91
N ARG A 111 -26.02 14.82 15.16
CA ARG A 111 -25.58 14.44 16.50
C ARG A 111 -24.58 15.47 17.06
N LEU A 112 -23.59 15.84 16.24
CA LEU A 112 -22.56 16.78 16.67
C LEU A 112 -23.19 18.13 16.98
N LEU A 113 -24.23 18.49 16.22
CA LEU A 113 -24.94 19.75 16.38
C LEU A 113 -25.68 19.77 17.71
N ALA A 114 -26.29 18.63 18.07
CA ALA A 114 -27.00 18.46 19.33
C ALA A 114 -26.04 18.50 20.51
N GLN A 115 -24.77 18.16 20.29
CA GLN A 115 -23.76 18.12 21.34
C GLN A 115 -23.03 19.46 21.44
N ASP A 116 -23.31 20.38 20.52
CA ASP A 116 -22.65 21.68 20.43
C ASP A 116 -21.17 21.49 20.07
N ASP A 117 -20.86 20.43 19.32
CA ASP A 117 -19.53 20.24 18.76
C ASP A 117 -19.47 20.85 17.37
N ILE A 118 -20.65 21.13 16.79
CA ILE A 118 -20.79 21.95 15.60
C ILE A 118 -21.75 23.10 15.93
N TYR A 119 -21.37 24.32 15.57
CA TYR A 119 -22.23 25.49 15.77
C TYR A 119 -22.39 26.19 14.44
N LEU A 120 -23.45 27.01 14.35
CA LEU A 120 -23.76 27.80 13.17
C LEU A 120 -23.17 29.20 13.33
N GLY A 121 -22.21 29.54 12.47
CA GLY A 121 -21.61 30.88 12.43
C GLY A 121 -21.52 31.38 10.98
N GLU A 122 -20.62 32.34 10.75
CA GLU A 122 -20.46 32.94 9.43
C GLU A 122 -19.05 32.68 8.92
N TYR A 123 -18.94 32.00 7.76
CA TYR A 123 -17.69 31.77 7.08
C TYR A 123 -17.19 33.09 6.51
N SER A 124 -15.91 33.40 6.74
CA SER A 124 -15.38 34.73 6.45
C SER A 124 -13.84 34.66 6.44
N GLY A 125 -13.23 35.40 5.51
CA GLY A 125 -11.78 35.45 5.40
C GLY A 125 -11.32 35.53 3.94
N TRP A 126 -10.00 35.48 3.74
CA TRP A 126 -9.39 35.72 2.44
C TRP A 126 -8.96 34.39 1.80
N VAL A 143 -1.38 43.57 0.80
CA VAL A 143 -2.70 43.96 1.39
C VAL A 143 -3.14 45.28 0.77
N PHE A 144 -4.19 45.22 -0.06
CA PHE A 144 -4.73 46.39 -0.72
C PHE A 144 -5.95 46.88 0.06
N ARG A 145 -6.12 48.20 0.13
CA ARG A 145 -7.16 48.82 0.95
C ARG A 145 -7.98 49.80 0.11
N ASP A 146 -9.18 50.14 0.61
CA ASP A 146 -10.02 51.18 0.03
C ASP A 146 -9.74 52.49 0.78
N GLU A 147 -10.71 53.42 0.74
CA GLU A 147 -10.50 54.76 1.24
C GLU A 147 -10.86 54.89 2.73
N ALA A 148 -11.45 53.83 3.32
CA ALA A 148 -11.73 53.80 4.75
C ALA A 148 -10.84 52.77 5.45
N GLY A 149 -9.79 52.28 4.75
CA GLY A 149 -8.84 51.35 5.32
C GLY A 149 -9.32 49.90 5.29
N ASN A 150 -10.51 49.65 4.73
CA ASN A 150 -11.04 48.29 4.60
C ASN A 150 -10.21 47.56 3.56
N VAL A 151 -9.97 46.25 3.81
CA VAL A 151 -9.21 45.44 2.88
C VAL A 151 -10.14 44.98 1.75
N THR A 152 -9.71 45.21 0.50
CA THR A 152 -10.46 44.82 -0.68
C THR A 152 -9.83 43.60 -1.34
N GLY A 153 -8.49 43.63 -1.47
CA GLY A 153 -7.74 42.50 -2.01
C GLY A 153 -6.34 42.44 -1.44
N TRP A 164 -12.50 37.73 -1.22
CA TRP A 164 -13.29 37.72 0.05
C TRP A 164 -14.38 36.65 -0.01
N VAL A 165 -14.17 35.56 0.75
CA VAL A 165 -15.17 34.53 0.95
C VAL A 165 -16.08 34.95 2.09
N SER A 166 -17.40 34.84 1.89
CA SER A 166 -18.37 35.19 2.92
C SER A 166 -19.67 34.43 2.69
N GLU A 167 -19.96 33.49 3.61
CA GLU A 167 -21.23 32.78 3.62
C GLU A 167 -21.58 32.40 5.05
N GLU A 168 -22.81 31.93 5.24
CA GLU A 168 -23.20 31.21 6.45
C GLU A 168 -22.55 29.83 6.38
N SER A 169 -21.97 29.36 7.50
CA SER A 169 -21.40 28.02 7.55
C SER A 169 -21.38 27.49 8.98
N TYR A 170 -21.58 26.17 9.10
CA TYR A 170 -21.40 25.47 10.35
C TYR A 170 -19.90 25.33 10.59
N PHE A 171 -19.50 25.34 11.87
CA PHE A 171 -18.11 25.22 12.26
C PHE A 171 -17.95 24.06 13.25
N LEU A 172 -16.87 23.30 13.07
CA LEU A 172 -16.52 22.22 13.98
C LEU A 172 -15.57 22.77 15.04
N ARG A 173 -15.85 22.46 16.32
CA ARG A 173 -15.12 23.04 17.44
C ARG A 173 -13.83 22.25 17.68
N LEU A 174 -12.81 22.50 16.84
CA LEU A 174 -11.53 21.82 16.96
C LEU A 174 -10.78 22.38 18.18
N SER A 175 -10.93 23.69 18.41
CA SER A 175 -10.24 24.40 19.48
C SER A 175 -10.54 23.76 20.83
N LYS A 176 -11.78 23.27 21.00
CA LYS A 176 -12.24 22.69 22.25
C LYS A 176 -11.51 21.39 22.59
N TYR A 177 -10.91 20.73 21.60
CA TYR A 177 -10.27 19.43 21.81
C TYR A 177 -8.77 19.51 21.61
N GLN A 178 -8.20 20.72 21.65
CA GLN A 178 -6.80 20.91 21.33
C GLN A 178 -5.91 20.22 22.36
N ASP A 179 -6.12 20.52 23.65
CA ASP A 179 -5.34 19.94 24.73
C ASP A 179 -5.39 18.42 24.69
N ARG A 180 -6.59 17.89 24.46
CA ARG A 180 -6.81 16.45 24.43
C ARG A 180 -6.07 15.82 23.25
N LEU A 181 -6.00 16.52 22.10
CA LEU A 181 -5.30 16.03 20.93
C LEU A 181 -3.78 16.09 21.16
N VAL A 182 -3.30 17.14 21.83
CA VAL A 182 -1.89 17.27 22.13
C VAL A 182 -1.44 16.11 23.04
N GLU A 183 -2.24 15.80 24.07
CA GLU A 183 -1.96 14.66 24.94
C GLU A 183 -1.85 13.38 24.11
N PHE A 184 -2.81 13.17 23.20
CA PHE A 184 -2.81 11.98 22.34
C PHE A 184 -1.48 11.88 21.60
N PHE A 185 -1.03 12.97 20.97
CA PHE A 185 0.21 13.00 20.21
C PHE A 185 1.41 12.65 21.10
N LYS A 186 1.46 13.23 22.30
CA LYS A 186 2.58 13.03 23.21
C LYS A 186 2.60 11.62 23.77
N ALA A 187 1.42 11.02 23.97
CA ALA A 187 1.33 9.68 24.54
C ALA A 187 1.51 8.61 23.47
N HIS A 188 1.37 8.98 22.19
CA HIS A 188 1.49 8.03 21.09
C HIS A 188 2.48 8.57 20.05
N PRO A 189 3.79 8.60 20.33
CA PRO A 189 4.76 9.20 19.41
C PRO A 189 4.91 8.45 18.08
N GLU A 190 4.38 7.22 18.00
CA GLU A 190 4.43 6.44 16.77
C GLU A 190 3.04 6.38 16.12
N PHE A 191 2.24 7.42 16.36
CA PHE A 191 0.91 7.55 15.76
C PHE A 191 1.05 7.80 14.26
N ILE A 192 2.09 8.57 13.88
CA ILE A 192 2.37 8.84 12.48
C ILE A 192 3.79 8.35 12.17
N THR A 193 3.91 7.63 11.05
CA THR A 193 5.21 7.30 10.48
C THR A 193 5.36 7.88 9.08
N PRO A 194 6.58 8.19 8.61
CA PRO A 194 7.81 8.01 9.39
C PRO A 194 8.09 9.12 10.39
N ASP A 195 9.19 8.96 11.12
CA ASP A 195 9.60 9.89 12.16
C ASP A 195 9.79 11.28 11.57
N GLY A 196 9.28 12.30 12.27
CA GLY A 196 9.42 13.68 11.85
C GLY A 196 8.10 14.31 11.45
N ARG A 197 7.21 13.49 10.87
CA ARG A 197 5.94 13.96 10.36
C ARG A 197 4.98 14.31 11.49
N LEU A 198 5.11 13.62 12.64
CA LEU A 198 4.26 13.92 13.79
C LEU A 198 4.62 15.28 14.36
N ASN A 199 5.92 15.59 14.38
CA ASN A 199 6.39 16.87 14.90
C ASN A 199 6.01 17.99 13.93
N GLU A 200 6.03 17.71 12.62
CA GLU A 200 5.60 18.68 11.63
C GLU A 200 4.16 19.11 11.89
N MET A 201 3.28 18.13 12.19
CA MET A 201 1.89 18.43 12.46
C MET A 201 1.78 19.31 13.71
N LEU A 202 2.59 18.99 14.74
CA LEU A 202 2.62 19.76 15.98
C LEU A 202 3.06 21.19 15.70
N ARG A 203 4.23 21.36 15.07
CA ARG A 203 4.81 22.67 14.85
C ARG A 203 3.91 23.54 13.98
N ASN A 204 3.40 22.98 12.88
CA ASN A 204 2.84 23.78 11.82
C ASN A 204 1.36 24.07 12.06
N PHE A 205 0.63 23.14 12.72
CA PHE A 205 -0.82 23.26 12.78
C PHE A 205 -1.35 23.30 14.21
N ILE A 206 -0.78 22.50 15.13
CA ILE A 206 -1.42 22.25 16.42
C ILE A 206 -0.92 23.25 17.48
N GLU A 207 0.40 23.30 17.68
CA GLU A 207 0.97 24.11 18.76
C GLU A 207 0.60 25.59 18.63
N PRO A 208 0.57 26.20 17.42
CA PRO A 208 0.15 27.59 17.28
C PRO A 208 -1.30 27.88 17.67
N GLY A 209 -2.15 26.85 17.74
CA GLY A 209 -3.56 27.01 18.07
C GLY A 209 -4.46 26.61 16.90
N LEU A 210 -5.35 25.64 17.15
CA LEU A 210 -6.30 25.16 16.17
C LEU A 210 -7.48 26.12 16.06
N GLU A 211 -7.75 26.61 14.84
CA GLU A 211 -8.97 27.35 14.58
C GLU A 211 -10.09 26.36 14.30
N ASP A 212 -11.32 26.77 14.62
CA ASP A 212 -12.51 26.01 14.27
C ASP A 212 -12.61 25.93 12.74
N LEU A 213 -13.23 24.85 12.25
CA LEU A 213 -13.20 24.49 10.83
C LEU A 213 -14.59 24.62 10.23
N ALA A 214 -14.68 25.28 9.07
CA ALA A 214 -15.91 25.35 8.29
C ALA A 214 -16.24 23.98 7.70
N VAL A 215 -17.36 23.38 8.13
CA VAL A 215 -17.69 22.01 7.73
C VAL A 215 -18.98 21.94 6.92
N SER A 216 -19.38 23.06 6.30
CA SER A 216 -20.53 23.06 5.40
C SER A 216 -20.25 24.00 4.23
N ARG A 217 -21.04 23.85 3.15
CA ARG A 217 -20.91 24.69 1.97
C ARG A 217 -22.29 24.94 1.38
N THR A 218 -22.44 26.07 0.66
CA THR A 218 -23.74 26.51 0.14
C THR A 218 -23.66 26.89 -1.35
N THR A 219 -22.46 26.83 -1.96
CA THR A 219 -22.26 27.31 -3.32
C THR A 219 -22.37 26.18 -4.34
N PHE A 220 -22.83 25.00 -3.90
CA PHE A 220 -23.06 23.87 -4.79
C PHE A 220 -24.00 22.91 -4.08
N THR A 221 -24.56 21.95 -4.83
CA THR A 221 -25.63 21.10 -4.33
C THR A 221 -25.17 19.65 -4.20
N TRP A 222 -24.08 19.29 -4.89
CA TRP A 222 -23.61 17.91 -4.94
C TRP A 222 -22.85 17.56 -3.67
N GLY A 223 -23.60 17.16 -2.63
CA GLY A 223 -23.05 16.79 -1.34
C GLY A 223 -24.16 16.24 -0.45
N VAL A 224 -23.81 15.84 0.78
CA VAL A 224 -24.82 15.34 1.71
C VAL A 224 -25.49 16.54 2.35
N PRO A 225 -26.81 16.77 2.09
CA PRO A 225 -27.51 17.90 2.71
C PRO A 225 -27.59 17.77 4.22
N VAL A 226 -27.31 18.88 4.91
CA VAL A 226 -27.53 18.98 6.35
C VAL A 226 -29.04 18.92 6.58
N PRO A 227 -29.58 17.87 7.24
CA PRO A 227 -31.02 17.72 7.41
C PRO A 227 -31.73 18.98 7.90
N SER A 228 -31.22 19.57 8.99
CA SER A 228 -31.88 20.67 9.67
C SER A 228 -31.72 21.99 8.92
N ASN A 229 -30.96 21.99 7.81
CA ASN A 229 -30.78 23.19 7.00
C ASN A 229 -30.32 22.77 5.60
N PRO A 230 -31.21 22.15 4.79
CA PRO A 230 -30.83 21.48 3.55
C PRO A 230 -30.11 22.35 2.51
N LYS A 231 -29.99 23.65 2.76
CA LYS A 231 -29.30 24.53 1.83
C LYS A 231 -27.79 24.40 2.02
N HIS A 232 -27.40 23.81 3.16
CA HIS A 232 -26.01 23.48 3.43
C HIS A 232 -25.76 22.01 3.08
N VAL A 233 -24.65 21.77 2.36
CA VAL A 233 -24.11 20.44 2.19
C VAL A 233 -22.89 20.29 3.09
N VAL A 234 -22.63 19.06 3.55
CA VAL A 234 -21.50 18.77 4.39
C VAL A 234 -20.21 18.93 3.59
N TYR A 235 -19.20 19.58 4.18
CA TYR A 235 -17.89 19.68 3.58
C TYR A 235 -17.40 18.28 3.23
N VAL A 236 -16.86 18.13 2.01
CA VAL A 236 -16.58 16.81 1.47
C VAL A 236 -15.60 16.04 2.35
N TRP A 237 -14.70 16.75 3.06
CA TRP A 237 -13.68 16.06 3.83
C TRP A 237 -14.27 15.36 5.05
N ILE A 238 -15.32 15.92 5.68
CA ILE A 238 -15.97 15.27 6.81
C ILE A 238 -16.69 14.04 6.31
N ASP A 239 -17.42 14.21 5.20
CA ASP A 239 -18.12 13.14 4.50
C ASP A 239 -17.15 12.03 4.12
N ALA A 240 -15.99 12.40 3.58
CA ALA A 240 -14.99 11.43 3.12
C ALA A 240 -14.39 10.68 4.30
N LEU A 241 -13.95 11.40 5.33
CA LEU A 241 -13.26 10.78 6.46
C LEU A 241 -14.11 9.69 7.10
N LEU A 242 -15.45 9.87 7.12
CA LEU A 242 -16.32 8.93 7.80
C LEU A 242 -16.39 7.58 7.07
N ASN A 243 -15.93 7.52 5.82
CA ASN A 243 -15.95 6.29 5.04
C ASN A 243 -15.32 5.12 5.82
N TYR A 244 -14.23 5.41 6.54
CA TYR A 244 -13.49 4.39 7.28
C TYR A 244 -14.37 3.74 8.34
N ALA A 245 -15.31 4.49 8.90
CA ALA A 245 -16.23 3.99 9.90
C ALA A 245 -17.46 3.33 9.26
N THR A 246 -18.06 3.98 8.26
CA THR A 246 -19.35 3.57 7.75
C THR A 246 -19.25 2.26 6.96
N ALA A 247 -18.10 2.04 6.31
CA ALA A 247 -17.88 0.83 5.53
C ALA A 247 -18.00 -0.42 6.40
N LEU A 248 -17.72 -0.27 7.70
CA LEU A 248 -17.78 -1.37 8.65
C LEU A 248 -19.17 -1.51 9.27
N GLY A 249 -20.06 -0.54 9.00
CA GLY A 249 -21.41 -0.55 9.52
C GLY A 249 -21.58 0.30 10.78
N TYR A 250 -20.83 1.40 10.87
CA TYR A 250 -20.93 2.31 12.00
C TYR A 250 -22.30 3.01 11.97
N ALA A 251 -23.00 2.96 13.11
CA ALA A 251 -24.30 3.58 13.29
C ALA A 251 -25.35 3.00 12.35
N GLN A 252 -25.23 1.68 12.06
CA GLN A 252 -26.15 0.96 11.19
C GLN A 252 -26.59 -0.32 11.91
N ASP A 253 -27.56 -1.04 11.31
CA ASP A 253 -28.14 -2.21 11.94
C ASP A 253 -27.10 -3.33 12.07
N GLU A 254 -26.40 -3.62 10.97
CA GLU A 254 -25.36 -4.63 10.95
C GLU A 254 -24.02 -3.95 11.21
N HIS A 255 -23.53 -4.06 12.45
CA HIS A 255 -22.39 -3.29 12.91
C HIS A 255 -21.34 -4.20 13.54
N GLY A 256 -21.32 -5.48 13.14
CA GLY A 256 -20.39 -6.45 13.69
C GLY A 256 -18.94 -6.12 13.32
N ASN A 257 -18.74 -5.74 12.04
CA ASN A 257 -17.43 -5.41 11.50
C ASN A 257 -16.85 -4.16 12.18
N PHE A 258 -17.69 -3.19 12.55
CA PHE A 258 -17.21 -2.00 13.24
C PHE A 258 -16.70 -2.39 14.63
N ASP A 259 -17.48 -3.19 15.37
CA ASP A 259 -17.14 -3.56 16.74
C ASP A 259 -15.88 -4.44 16.77
N LYS A 260 -15.71 -5.23 15.71
CA LYS A 260 -14.55 -6.11 15.59
C LYS A 260 -13.32 -5.29 15.20
N PHE A 261 -13.36 -4.67 14.01
CA PHE A 261 -12.16 -4.19 13.35
C PHE A 261 -11.78 -2.78 13.80
N TRP A 262 -12.77 -1.96 14.19
CA TRP A 262 -12.44 -0.61 14.64
C TRP A 262 -11.79 -0.66 16.02
N ASN A 263 -12.09 -1.70 16.80
CA ASN A 263 -11.54 -1.85 18.14
C ASN A 263 -10.29 -2.72 18.11
N GLY A 264 -9.87 -3.18 16.91
CA GLY A 264 -8.59 -3.84 16.74
C GLY A 264 -7.51 -2.84 16.32
N THR A 265 -6.51 -3.31 15.54
CA THR A 265 -5.44 -2.44 15.09
C THR A 265 -5.85 -1.80 13.77
N VAL A 266 -5.82 -0.46 13.73
CA VAL A 266 -6.32 0.30 12.60
C VAL A 266 -5.17 1.12 12.03
N PHE A 267 -4.84 0.86 10.76
CA PHE A 267 -3.85 1.63 10.02
C PHE A 267 -4.56 2.37 8.88
N HIS A 268 -4.28 3.67 8.74
CA HIS A 268 -4.64 4.43 7.56
C HIS A 268 -3.37 4.80 6.81
N MET A 269 -3.27 4.39 5.53
CA MET A 269 -2.18 4.85 4.68
C MET A 269 -2.66 6.06 3.88
N VAL A 270 -1.83 7.11 3.83
CA VAL A 270 -2.18 8.36 3.17
C VAL A 270 -0.92 8.94 2.55
N GLY A 271 -1.11 9.83 1.56
CA GLY A 271 -0.06 10.71 1.11
C GLY A 271 0.11 11.88 2.06
N LYS A 272 1.36 12.38 2.19
CA LYS A 272 1.71 13.39 3.17
C LYS A 272 0.80 14.62 3.08
N ASP A 273 0.33 14.95 1.87
CA ASP A 273 -0.40 16.19 1.65
C ASP A 273 -1.84 16.12 2.16
N ILE A 274 -2.34 14.96 2.61
CA ILE A 274 -3.64 14.88 3.27
C ILE A 274 -3.46 14.43 4.72
N LEU A 275 -2.27 14.65 5.29
CA LEU A 275 -1.97 14.19 6.64
C LEU A 275 -2.74 14.99 7.68
N ARG A 276 -2.96 16.29 7.45
CA ARG A 276 -3.63 17.13 8.44
C ARG A 276 -5.09 16.71 8.62
N PHE A 277 -5.74 16.28 7.53
CA PHE A 277 -7.13 15.86 7.62
C PHE A 277 -7.22 14.62 8.49
N HIS A 278 -6.24 13.70 8.37
CA HIS A 278 -6.28 12.42 9.05
C HIS A 278 -5.68 12.49 10.46
N SER A 279 -4.83 13.48 10.72
CA SER A 279 -4.10 13.55 11.99
C SER A 279 -4.70 14.59 12.95
N ILE A 280 -5.51 15.52 12.43
CA ILE A 280 -6.12 16.54 13.27
C ILE A 280 -7.64 16.36 13.28
N TYR A 281 -8.27 16.49 12.10
CA TYR A 281 -9.72 16.55 12.02
C TYR A 281 -10.32 15.20 12.37
N TRP A 282 -9.69 14.13 11.89
CA TRP A 282 -10.24 12.78 12.05
C TRP A 282 -10.19 12.36 13.51
N PRO A 283 -9.04 12.46 14.23
CA PRO A 283 -9.00 12.12 15.65
C PRO A 283 -9.99 12.89 16.52
N ILE A 284 -10.19 14.18 16.24
CA ILE A 284 -11.08 15.01 17.05
C ILE A 284 -12.54 14.59 16.79
N LEU A 285 -12.90 14.36 15.52
CA LEU A 285 -14.20 13.79 15.18
C LEU A 285 -14.47 12.55 16.03
N LEU A 286 -13.48 11.65 16.11
CA LEU A 286 -13.64 10.38 16.80
C LEU A 286 -13.78 10.60 18.31
N MET A 287 -13.14 11.64 18.83
CA MET A 287 -13.31 12.02 20.23
C MET A 287 -14.76 12.44 20.50
N MET A 288 -15.33 13.23 19.60
CA MET A 288 -16.68 13.75 19.76
C MET A 288 -17.73 12.64 19.69
N LEU A 289 -17.42 11.55 18.97
CA LEU A 289 -18.33 10.44 18.79
C LEU A 289 -18.02 9.31 19.78
N ASP A 290 -16.99 9.50 20.61
CA ASP A 290 -16.66 8.59 21.70
C ASP A 290 -16.31 7.21 21.17
N VAL A 291 -15.39 7.15 20.18
CA VAL A 291 -14.92 5.88 19.64
C VAL A 291 -13.40 5.90 19.57
N LYS A 292 -12.80 4.72 19.38
CA LYS A 292 -11.36 4.53 19.44
C LYS A 292 -10.67 5.32 18.34
N LEU A 293 -9.47 5.81 18.63
CA LEU A 293 -8.65 6.49 17.65
C LEU A 293 -7.80 5.44 16.93
N PRO A 294 -7.48 5.65 15.64
CA PRO A 294 -6.60 4.73 14.93
C PRO A 294 -5.21 4.64 15.55
N ASP A 295 -4.50 3.56 15.21
CA ASP A 295 -3.22 3.25 15.83
C ASP A 295 -2.07 3.82 15.02
N ARG A 296 -2.22 3.97 13.70
CA ARG A 296 -1.11 4.44 12.88
C ARG A 296 -1.58 5.07 11.58
N LEU A 297 -1.02 6.24 11.28
CA LEU A 297 -1.12 6.87 9.96
C LEU A 297 0.22 6.70 9.26
N ILE A 298 0.22 6.01 8.11
CA ILE A 298 1.43 5.83 7.32
C ILE A 298 1.44 6.88 6.21
N ALA A 299 2.26 7.93 6.37
CA ALA A 299 2.33 8.99 5.38
C ALA A 299 3.54 8.77 4.49
N HIS A 300 3.34 8.86 3.17
CA HIS A 300 4.39 8.59 2.20
C HIS A 300 4.53 9.78 1.25
N GLY A 301 5.64 9.77 0.48
CA GLY A 301 5.97 10.82 -0.46
C GLY A 301 5.35 10.60 -1.84
N TRP A 302 5.73 11.49 -2.78
CA TRP A 302 5.20 11.51 -4.13
C TRP A 302 5.99 10.56 -5.02
N PHE A 303 5.28 9.90 -5.95
CA PHE A 303 5.90 9.25 -7.08
C PHE A 303 5.89 10.23 -8.24
N VAL A 304 7.05 10.46 -8.87
CA VAL A 304 7.16 11.34 -10.02
C VAL A 304 7.63 10.52 -11.22
N MET A 305 7.00 10.75 -12.39
CA MET A 305 7.37 10.09 -13.63
C MET A 305 8.26 11.02 -14.44
N LYS A 306 9.40 10.50 -14.95
CA LYS A 306 10.34 11.30 -15.73
C LYS A 306 10.81 10.52 -16.96
N ASN A 316 4.83 13.55 -19.49
CA ASN A 316 5.54 12.75 -18.45
C ASN A 316 4.51 12.01 -17.59
N VAL A 317 3.58 11.30 -18.24
CA VAL A 317 2.55 10.53 -17.56
C VAL A 317 2.67 9.08 -18.01
N VAL A 318 2.51 8.14 -17.07
CA VAL A 318 2.60 6.72 -17.37
C VAL A 318 1.41 6.01 -16.74
N TYR A 319 0.72 5.19 -17.55
CA TYR A 319 -0.49 4.51 -17.13
C TYR A 319 -0.16 3.06 -16.78
N PRO A 320 -0.67 2.54 -15.64
CA PRO A 320 -0.42 1.16 -15.24
C PRO A 320 -0.62 0.13 -16.35
N GLU A 321 -1.71 0.27 -17.12
CA GLU A 321 -2.12 -0.72 -18.11
C GLU A 321 -1.00 -0.95 -19.11
N MET A 322 -0.42 0.15 -19.60
CA MET A 322 0.63 0.09 -20.61
C MET A 322 1.78 -0.77 -20.11
N LEU A 323 2.19 -0.56 -18.84
CA LEU A 323 3.31 -1.26 -18.25
C LEU A 323 2.95 -2.72 -17.97
N VAL A 324 1.72 -2.96 -17.50
CA VAL A 324 1.27 -4.30 -17.15
C VAL A 324 1.11 -5.15 -18.41
N GLU A 325 0.57 -4.54 -19.47
CA GLU A 325 0.34 -5.24 -20.74
C GLU A 325 1.67 -5.75 -21.29
N ARG A 326 2.70 -4.91 -21.18
CA ARG A 326 3.98 -5.14 -21.83
C ARG A 326 4.85 -6.11 -21.02
N TYR A 327 5.02 -5.85 -19.72
CA TYR A 327 6.00 -6.59 -18.94
C TYR A 327 5.34 -7.41 -17.83
N GLY A 328 4.03 -7.23 -17.61
CA GLY A 328 3.30 -8.01 -16.61
C GLY A 328 3.10 -7.26 -15.30
N LEU A 329 2.28 -7.85 -14.41
CA LEU A 329 1.84 -7.19 -13.19
C LEU A 329 2.94 -7.17 -12.14
N ASP A 330 3.62 -8.30 -11.95
CA ASP A 330 4.53 -8.45 -10.83
C ASP A 330 5.71 -7.47 -10.93
N PRO A 331 6.29 -7.22 -12.12
CA PRO A 331 7.27 -6.15 -12.29
C PRO A 331 6.81 -4.77 -11.83
N LEU A 332 5.54 -4.43 -12.13
CA LEU A 332 5.01 -3.14 -11.74
C LEU A 332 4.94 -3.04 -10.22
N ARG A 333 4.37 -4.07 -9.58
CA ARG A 333 4.19 -4.07 -8.14
C ARG A 333 5.54 -4.01 -7.44
N TYR A 334 6.50 -4.82 -7.89
CA TYR A 334 7.85 -4.79 -7.39
C TYR A 334 8.42 -3.38 -7.54
N TYR A 335 8.28 -2.81 -8.74
CA TYR A 335 8.93 -1.54 -9.06
C TYR A 335 8.38 -0.43 -8.16
N LEU A 336 7.04 -0.31 -8.07
CA LEU A 336 6.43 0.76 -7.30
C LEU A 336 6.81 0.66 -5.82
N MET A 337 6.80 -0.55 -5.26
CA MET A 337 7.01 -0.72 -3.83
C MET A 337 8.48 -0.50 -3.47
N ARG A 338 9.39 -0.86 -4.38
CA ARG A 338 10.81 -0.79 -4.11
C ARG A 338 11.36 0.62 -4.30
N ASN A 339 10.66 1.45 -5.08
CA ASN A 339 11.26 2.69 -5.58
C ASN A 339 10.71 3.95 -4.89
N LEU A 340 9.88 3.81 -3.86
CA LEU A 340 9.45 4.97 -3.09
C LEU A 340 10.00 4.84 -1.68
N PRO A 341 11.14 5.50 -1.37
CA PRO A 341 11.80 5.33 -0.09
C PRO A 341 11.04 6.04 1.03
N VAL A 342 11.09 5.43 2.22
CA VAL A 342 10.48 6.03 3.39
C VAL A 342 11.20 7.33 3.69
N GLY A 343 10.42 8.39 3.87
CA GLY A 343 10.95 9.69 4.25
C GLY A 343 11.28 10.57 3.05
N SER A 344 10.94 10.16 1.82
CA SER A 344 11.22 10.98 0.66
C SER A 344 10.29 10.64 -0.51
N ASP A 345 10.52 11.34 -1.63
CA ASP A 345 9.81 11.07 -2.87
C ASP A 345 10.61 10.06 -3.69
N GLY A 346 9.94 9.45 -4.67
CA GLY A 346 10.55 8.47 -5.55
C GLY A 346 10.32 8.83 -7.01
N THR A 347 11.17 8.30 -7.90
CA THR A 347 11.12 8.67 -9.31
C THR A 347 11.09 7.42 -10.18
N PHE A 348 10.22 7.45 -11.20
CA PHE A 348 10.19 6.47 -12.28
C PHE A 348 11.03 6.99 -13.45
N THR A 349 11.86 6.11 -14.03
CA THR A 349 12.45 6.33 -15.35
C THR A 349 12.25 5.06 -16.18
N PRO A 350 12.17 5.17 -17.53
CA PRO A 350 12.17 4.00 -18.39
C PRO A 350 13.41 3.13 -18.28
N GLU A 351 14.57 3.75 -18.01
CA GLU A 351 15.84 3.06 -17.94
C GLU A 351 15.89 2.20 -16.67
N ASP A 352 15.41 2.74 -15.55
CA ASP A 352 15.43 2.02 -14.28
C ASP A 352 14.42 0.88 -14.28
N TYR A 353 13.26 1.10 -14.93
CA TYR A 353 12.21 0.10 -14.98
C TYR A 353 12.72 -1.14 -15.71
N VAL A 354 13.28 -0.93 -16.90
CA VAL A 354 13.79 -2.00 -17.75
C VAL A 354 15.05 -2.61 -17.14
N GLY A 355 15.88 -1.77 -16.51
CA GLY A 355 17.12 -2.22 -15.90
C GLY A 355 16.87 -3.19 -14.74
N ARG A 356 15.87 -2.89 -13.90
CA ARG A 356 15.59 -3.72 -12.73
C ARG A 356 14.98 -5.05 -13.17
N ILE A 357 14.08 -5.02 -14.17
CA ILE A 357 13.54 -6.26 -14.73
C ILE A 357 14.68 -7.14 -15.21
N ASN A 358 15.63 -6.55 -15.95
CA ASN A 358 16.75 -7.29 -16.49
C ASN A 358 17.62 -7.85 -15.36
N TYR A 359 18.11 -6.98 -14.48
CA TYR A 359 19.17 -7.37 -13.55
C TYR A 359 18.60 -8.01 -12.29
N GLU A 360 17.60 -7.36 -11.67
CA GLU A 360 17.13 -7.76 -10.35
C GLU A 360 16.16 -8.95 -10.44
N LEU A 361 15.37 -9.03 -11.51
CA LEU A 361 14.39 -10.10 -11.62
C LEU A 361 14.92 -11.23 -12.51
N ALA A 362 15.20 -10.94 -13.78
CA ALA A 362 15.62 -11.96 -14.73
C ALA A 362 16.94 -12.59 -14.31
N ASN A 363 17.98 -11.78 -14.06
CA ASN A 363 19.30 -12.30 -13.76
C ASN A 363 19.37 -12.78 -12.31
N ASP A 364 19.23 -11.85 -11.36
CA ASP A 364 19.46 -12.20 -9.96
C ASP A 364 18.59 -13.37 -9.54
N LEU A 365 17.28 -13.30 -9.81
CA LEU A 365 16.34 -14.30 -9.32
C LEU A 365 16.13 -15.41 -10.36
N GLY A 366 15.85 -15.02 -11.61
CA GLY A 366 15.48 -15.95 -12.67
C GLY A 366 16.58 -16.96 -12.98
N ASN A 367 17.82 -16.49 -13.20
CA ASN A 367 18.92 -17.39 -13.55
C ASN A 367 19.28 -18.28 -12.36
N LEU A 368 19.16 -17.75 -11.14
CA LEU A 368 19.38 -18.53 -9.92
C LEU A 368 18.44 -19.74 -9.90
N LEU A 369 17.15 -19.50 -10.12
CA LEU A 369 16.17 -20.57 -10.17
C LEU A 369 16.53 -21.54 -11.29
N ASN A 370 16.64 -21.00 -12.51
CA ASN A 370 16.86 -21.77 -13.73
C ASN A 370 18.02 -22.75 -13.54
N ARG A 371 19.13 -22.28 -12.97
CA ARG A 371 20.33 -23.10 -12.93
C ARG A 371 20.29 -24.02 -11.71
N THR A 372 19.55 -23.63 -10.65
CA THR A 372 19.32 -24.54 -9.54
C THR A 372 18.55 -25.77 -10.03
N VAL A 373 17.55 -25.55 -10.90
CA VAL A 373 16.69 -26.63 -11.36
C VAL A 373 17.48 -27.53 -12.33
N SER A 374 18.31 -26.94 -13.19
CA SER A 374 19.13 -27.69 -14.14
C SER A 374 20.10 -28.63 -13.42
N MET A 375 20.71 -28.15 -12.33
CA MET A 375 21.73 -28.90 -11.61
C MET A 375 21.10 -30.03 -10.81
N ILE A 376 19.90 -29.80 -10.25
CA ILE A 376 19.22 -30.83 -9.48
C ILE A 376 18.81 -31.99 -10.40
N ASN A 377 18.48 -31.65 -11.65
CA ASN A 377 18.15 -32.64 -12.66
C ASN A 377 19.40 -33.44 -13.04
N LYS A 378 20.44 -32.72 -13.45
CA LYS A 378 21.68 -33.30 -13.96
C LYS A 378 22.31 -34.22 -12.92
N TYR A 379 22.29 -33.83 -11.64
CA TYR A 379 23.12 -34.47 -10.64
C TYR A 379 22.32 -35.44 -9.77
N PHE A 380 21.02 -35.19 -9.55
CA PHE A 380 20.24 -36.03 -8.64
C PHE A 380 18.91 -36.45 -9.25
N ASP A 381 18.77 -36.33 -10.59
CA ASP A 381 17.60 -36.82 -11.31
C ASP A 381 16.34 -36.17 -10.77
N GLY A 382 16.42 -34.87 -10.44
CA GLY A 382 15.25 -34.09 -10.05
C GLY A 382 14.94 -34.22 -8.56
N GLN A 383 15.46 -35.25 -7.89
CA GLN A 383 15.21 -35.45 -6.47
C GLN A 383 16.11 -34.51 -5.66
N ILE A 384 15.49 -33.60 -4.89
CA ILE A 384 16.24 -32.66 -4.08
C ILE A 384 16.78 -33.43 -2.87
N PRO A 385 18.12 -33.48 -2.68
CA PRO A 385 18.68 -34.14 -1.51
C PRO A 385 18.14 -33.60 -0.20
N ALA A 386 18.04 -34.48 0.80
CA ALA A 386 17.67 -34.11 2.15
C ALA A 386 18.56 -32.98 2.66
N TYR A 387 17.99 -32.10 3.48
CA TYR A 387 18.69 -30.92 3.98
C TYR A 387 19.52 -31.33 5.19
N VAL A 388 20.85 -31.15 5.08
CA VAL A 388 21.79 -31.40 6.16
C VAL A 388 22.66 -30.16 6.31
N GLU A 389 22.78 -29.65 7.54
CA GLU A 389 23.44 -28.37 7.79
C GLU A 389 24.92 -28.59 8.05
N GLY A 390 25.76 -27.71 7.48
CA GLY A 390 27.17 -27.61 7.81
C GLY A 390 28.00 -28.70 7.14
N VAL A 391 27.68 -29.03 5.88
CA VAL A 391 28.38 -30.06 5.14
C VAL A 391 29.56 -29.44 4.41
N THR A 392 29.33 -28.27 3.79
CA THR A 392 30.42 -27.49 3.21
C THR A 392 30.75 -26.36 4.18
N GLU A 393 31.86 -25.65 3.90
CA GLU A 393 32.36 -24.59 4.76
C GLU A 393 31.43 -23.38 4.72
N PHE A 394 30.77 -23.18 3.57
CA PHE A 394 29.98 -21.97 3.35
C PHE A 394 28.53 -22.15 3.81
N ASP A 395 28.17 -23.35 4.27
CA ASP A 395 26.78 -23.64 4.59
C ASP A 395 26.32 -22.77 5.75
N HIS A 396 27.10 -22.73 6.84
CA HIS A 396 26.69 -21.99 8.03
C HIS A 396 26.56 -20.50 7.72
N VAL A 397 27.32 -20.01 6.74
CA VAL A 397 27.32 -18.60 6.35
C VAL A 397 26.01 -18.27 5.65
N LEU A 398 25.59 -19.12 4.69
CA LEU A 398 24.34 -18.91 4.00
C LEU A 398 23.17 -18.96 4.97
N ALA A 399 23.24 -19.87 5.94
CA ALA A 399 22.16 -20.07 6.91
C ALA A 399 22.00 -18.82 7.79
N GLU A 400 23.11 -18.21 8.19
CA GLU A 400 23.07 -17.06 9.10
C GLU A 400 22.52 -15.85 8.34
N VAL A 401 22.81 -15.76 7.04
CA VAL A 401 22.29 -14.71 6.16
C VAL A 401 20.78 -14.86 5.96
N ALA A 402 20.30 -16.11 5.81
CA ALA A 402 18.88 -16.37 5.62
C ALA A 402 18.09 -16.00 6.87
N GLU A 403 18.63 -16.33 8.03
CA GLU A 403 18.00 -15.98 9.30
C GLU A 403 17.94 -14.46 9.46
N GLN A 404 19.02 -13.78 9.03
CA GLN A 404 19.10 -12.33 9.13
C GLN A 404 18.12 -11.66 8.16
N SER A 405 18.01 -12.21 6.94
CA SER A 405 17.15 -11.65 5.92
C SER A 405 15.68 -11.77 6.33
N ILE A 406 15.32 -12.88 6.96
CA ILE A 406 13.95 -13.14 7.37
C ILE A 406 13.60 -12.18 8.52
N ALA A 407 14.52 -12.02 9.46
CA ALA A 407 14.32 -11.14 10.60
C ALA A 407 14.21 -9.68 10.14
N ASP A 408 15.12 -9.26 9.25
CA ASP A 408 15.10 -7.92 8.71
C ASP A 408 13.80 -7.68 7.93
N PHE A 409 13.39 -8.66 7.12
CA PHE A 409 12.16 -8.55 6.35
C PHE A 409 11.00 -8.23 7.29
N HIS A 410 10.85 -9.02 8.36
N HIS A 410 10.87 -9.04 8.35
CA HIS A 410 9.76 -8.85 9.29
CA HIS A 410 9.82 -8.90 9.36
C HIS A 410 9.81 -7.46 9.94
C HIS A 410 9.84 -7.48 9.92
N THR A 411 11.01 -7.04 10.38
CA THR A 411 11.19 -5.72 11.00
C THR A 411 10.70 -4.61 10.07
N HIS A 412 11.08 -4.69 8.79
CA HIS A 412 10.78 -3.65 7.82
C HIS A 412 9.32 -3.71 7.36
N MET A 413 8.72 -4.91 7.35
CA MET A 413 7.33 -5.04 6.94
C MET A 413 6.41 -4.47 8.03
N GLU A 414 6.80 -4.64 9.30
CA GLU A 414 6.06 -4.08 10.42
C GLU A 414 6.11 -2.56 10.40
N ALA A 415 7.22 -2.01 9.90
CA ALA A 415 7.39 -0.56 9.78
C ALA A 415 6.87 -0.08 8.43
N VAL A 416 6.43 -1.01 7.57
CA VAL A 416 5.91 -0.70 6.25
C VAL A 416 6.98 0.05 5.45
N ASP A 417 8.19 -0.49 5.48
CA ASP A 417 9.33 0.03 4.74
C ASP A 417 9.70 -1.01 3.69
N TYR A 418 9.08 -0.90 2.51
CA TYR A 418 9.15 -1.95 1.51
C TYR A 418 10.51 -1.95 0.81
N PRO A 419 11.14 -0.79 0.48
CA PRO A 419 12.46 -0.81 -0.12
C PRO A 419 13.46 -1.61 0.71
N ARG A 420 13.42 -1.40 2.03
CA ARG A 420 14.33 -2.06 2.95
C ARG A 420 13.93 -3.52 3.14
N ALA A 421 12.62 -3.81 3.10
CA ALA A 421 12.16 -5.19 3.15
C ALA A 421 12.70 -5.97 1.97
N LEU A 422 12.60 -5.38 0.78
CA LEU A 422 13.00 -6.03 -0.46
C LEU A 422 14.53 -6.10 -0.55
N GLU A 423 15.22 -5.08 -0.04
CA GLU A 423 16.69 -5.08 0.01
C GLU A 423 17.18 -6.30 0.78
N ALA A 424 16.52 -6.59 1.90
CA ALA A 424 16.85 -7.77 2.70
C ALA A 424 16.64 -9.05 1.91
N VAL A 425 15.59 -9.10 1.08
CA VAL A 425 15.30 -10.27 0.25
C VAL A 425 16.41 -10.44 -0.78
N TRP A 426 16.77 -9.34 -1.45
CA TRP A 426 17.77 -9.39 -2.51
C TRP A 426 19.20 -9.52 -1.95
N THR A 427 19.39 -9.31 -0.64
CA THR A 427 20.65 -9.64 0.01
C THR A 427 20.81 -11.17 0.04
N LEU A 428 19.73 -11.88 0.36
CA LEU A 428 19.76 -13.34 0.40
C LEU A 428 19.95 -13.91 -1.00
N ILE A 429 19.27 -13.32 -1.99
CA ILE A 429 19.45 -13.69 -3.39
C ILE A 429 20.92 -13.53 -3.77
N SER A 430 21.48 -12.35 -3.44
CA SER A 430 22.86 -12.00 -3.75
C SER A 430 23.84 -13.01 -3.13
N ARG A 431 23.65 -13.32 -1.84
CA ARG A 431 24.53 -14.23 -1.13
C ARG A 431 24.34 -15.68 -1.61
N THR A 432 23.18 -15.98 -2.20
CA THR A 432 22.91 -17.31 -2.73
C THR A 432 23.61 -17.47 -4.08
N ASN A 433 23.67 -16.40 -4.88
CA ASN A 433 24.45 -16.42 -6.10
C ASN A 433 25.94 -16.54 -5.77
N LYS A 434 26.39 -15.88 -4.68
CA LYS A 434 27.78 -16.00 -4.24
C LYS A 434 28.07 -17.45 -3.84
N TYR A 435 27.17 -18.05 -3.05
CA TYR A 435 27.31 -19.41 -2.55
C TYR A 435 27.54 -20.41 -3.68
N ILE A 436 27.01 -20.14 -4.88
CA ILE A 436 27.25 -20.99 -6.03
C ILE A 436 28.70 -20.85 -6.47
N ASP A 437 29.21 -19.61 -6.49
CA ASP A 437 30.58 -19.33 -6.91
C ASP A 437 31.58 -19.94 -5.92
N GLU A 438 31.25 -19.89 -4.63
CA GLU A 438 32.14 -20.31 -3.57
C GLU A 438 32.26 -21.84 -3.49
N THR A 439 31.17 -22.57 -3.74
CA THR A 439 31.13 -24.02 -3.58
C THR A 439 31.47 -24.72 -4.91
N ALA A 440 31.29 -24.02 -6.03
CA ALA A 440 31.64 -24.54 -7.35
C ALA A 440 31.08 -25.96 -7.54
N PRO A 441 29.74 -26.11 -7.67
CA PRO A 441 29.14 -27.43 -7.82
C PRO A 441 29.73 -28.28 -8.94
N TRP A 442 30.08 -27.64 -10.05
CA TRP A 442 30.61 -28.32 -11.23
C TRP A 442 31.99 -28.91 -10.95
N VAL A 443 32.72 -28.34 -9.99
CA VAL A 443 33.98 -28.89 -9.51
C VAL A 443 33.69 -30.08 -8.59
N LEU A 444 32.69 -29.92 -7.70
CA LEU A 444 32.35 -30.94 -6.72
C LEU A 444 31.85 -32.21 -7.42
N ALA A 445 31.23 -32.05 -8.60
CA ALA A 445 30.55 -33.13 -9.29
C ALA A 445 31.55 -34.09 -9.95
N LYS A 446 32.77 -33.62 -10.20
CA LYS A 446 33.78 -34.42 -10.88
C LYS A 446 34.63 -35.20 -9.86
N ASP A 447 34.08 -35.45 -8.67
CA ASP A 447 34.79 -36.12 -7.60
C ASP A 447 33.77 -36.81 -6.70
N GLU A 448 33.84 -38.14 -6.64
CA GLU A 448 32.78 -38.96 -6.06
C GLU A 448 32.82 -38.91 -4.54
N ALA A 449 33.94 -38.44 -3.97
CA ALA A 449 34.09 -38.32 -2.52
C ALA A 449 33.44 -37.03 -2.01
N LEU A 450 33.06 -36.12 -2.92
CA LEU A 450 32.45 -34.86 -2.57
C LEU A 450 30.95 -34.86 -2.93
N ARG A 451 30.30 -36.03 -2.89
CA ARG A 451 28.91 -36.13 -3.31
C ARG A 451 28.00 -35.47 -2.25
N ASP A 452 28.29 -35.73 -0.98
CA ASP A 452 27.55 -35.15 0.14
C ASP A 452 27.59 -33.63 0.09
N GLN A 453 28.73 -33.07 -0.34
CA GLN A 453 28.90 -31.63 -0.45
C GLN A 453 28.07 -31.10 -1.61
N LEU A 454 28.14 -31.76 -2.77
CA LEU A 454 27.36 -31.36 -3.93
C LEU A 454 25.88 -31.36 -3.57
N ALA A 455 25.48 -32.37 -2.79
CA ALA A 455 24.09 -32.57 -2.38
C ALA A 455 23.64 -31.43 -1.46
N SER A 456 24.53 -31.01 -0.57
CA SER A 456 24.23 -29.97 0.40
C SER A 456 24.10 -28.63 -0.29
N VAL A 457 24.99 -28.36 -1.26
CA VAL A 457 24.86 -27.18 -2.09
C VAL A 457 23.44 -27.14 -2.63
N MET A 458 22.99 -28.29 -3.14
CA MET A 458 21.78 -28.36 -3.93
C MET A 458 20.55 -28.15 -3.04
N SER A 459 20.53 -28.79 -1.87
CA SER A 459 19.44 -28.62 -0.93
C SER A 459 19.42 -27.20 -0.37
N HIS A 460 20.61 -26.59 -0.23
CA HIS A 460 20.75 -25.23 0.28
C HIS A 460 20.25 -24.21 -0.74
N LEU A 461 20.46 -24.51 -2.04
CA LEU A 461 19.97 -23.64 -3.10
C LEU A 461 18.44 -23.65 -3.12
N ALA A 462 17.84 -24.84 -3.10
CA ALA A 462 16.39 -24.99 -3.12
C ALA A 462 15.77 -24.34 -1.89
N ALA A 463 16.37 -24.60 -0.71
CA ALA A 463 15.86 -24.10 0.54
C ALA A 463 15.87 -22.57 0.53
N SER A 464 16.95 -21.99 -0.01
CA SER A 464 17.12 -20.56 -0.09
C SER A 464 16.02 -19.96 -0.96
N ILE A 465 15.86 -20.52 -2.16
CA ILE A 465 14.90 -20.02 -3.13
C ILE A 465 13.48 -20.17 -2.59
N ARG A 466 13.22 -21.20 -1.77
CA ARG A 466 11.91 -21.36 -1.15
C ARG A 466 11.63 -20.19 -0.21
N VAL A 467 12.59 -19.85 0.65
CA VAL A 467 12.46 -18.73 1.57
C VAL A 467 12.15 -17.46 0.78
N VAL A 468 12.89 -17.22 -0.31
CA VAL A 468 12.73 -16.04 -1.13
C VAL A 468 11.31 -15.98 -1.70
N ALA A 469 10.84 -17.10 -2.26
CA ALA A 469 9.52 -17.17 -2.86
C ALA A 469 8.44 -16.87 -1.83
N HIS A 470 8.69 -17.23 -0.56
CA HIS A 470 7.79 -16.90 0.52
C HIS A 470 7.83 -15.39 0.79
N LEU A 471 9.01 -14.79 0.86
CA LEU A 471 9.14 -13.41 1.27
C LEU A 471 8.55 -12.47 0.21
N ILE A 472 8.61 -12.84 -1.08
CA ILE A 472 8.16 -11.95 -2.13
C ILE A 472 6.65 -12.08 -2.38
N GLU A 473 5.99 -13.08 -1.78
CA GLU A 473 4.64 -13.46 -2.19
C GLU A 473 3.68 -12.27 -2.08
N PRO A 474 3.69 -11.47 -0.98
CA PRO A 474 2.80 -10.31 -0.88
C PRO A 474 2.95 -9.31 -2.02
N PHE A 475 4.18 -9.24 -2.57
CA PHE A 475 4.52 -8.31 -3.62
C PHE A 475 4.19 -8.89 -4.99
N MET A 476 4.54 -10.17 -5.17
CA MET A 476 4.58 -10.81 -6.48
C MET A 476 3.96 -12.20 -6.38
N MET A 477 2.63 -12.25 -6.28
CA MET A 477 1.90 -13.48 -5.97
C MET A 477 2.13 -14.55 -7.02
N GLU A 478 2.08 -14.17 -8.30
CA GLU A 478 2.23 -15.11 -9.42
C GLU A 478 3.68 -15.62 -9.49
N THR A 479 4.65 -14.70 -9.41
CA THR A 479 6.05 -15.06 -9.43
C THR A 479 6.34 -16.08 -8.33
N SER A 480 5.84 -15.82 -7.12
CA SER A 480 6.05 -16.70 -5.98
C SER A 480 5.59 -18.11 -6.30
N ARG A 481 4.38 -18.22 -6.85
CA ARG A 481 3.74 -19.50 -7.11
C ARG A 481 4.55 -20.29 -8.14
N ALA A 482 5.00 -19.61 -9.22
CA ALA A 482 5.70 -20.24 -10.32
C ALA A 482 7.10 -20.71 -9.90
N VAL A 483 7.80 -19.90 -9.09
CA VAL A 483 9.08 -20.28 -8.52
C VAL A 483 8.92 -21.59 -7.76
N LEU A 484 7.92 -21.64 -6.87
CA LEU A 484 7.72 -22.79 -6.00
C LEU A 484 7.30 -24.01 -6.82
N THR A 485 6.56 -23.79 -7.92
CA THR A 485 6.11 -24.89 -8.75
C THR A 485 7.31 -25.57 -9.39
N GLN A 486 8.28 -24.78 -9.87
CA GLN A 486 9.44 -25.31 -10.56
C GLN A 486 10.34 -26.09 -9.60
N LEU A 487 10.25 -25.81 -8.29
CA LEU A 487 10.96 -26.57 -7.28
C LEU A 487 10.15 -27.78 -6.83
N GLY A 488 8.91 -27.91 -7.31
CA GLY A 488 8.04 -29.01 -6.94
C GLY A 488 7.38 -28.77 -5.58
N LEU A 489 7.22 -27.49 -5.21
CA LEU A 489 6.70 -27.10 -3.91
C LEU A 489 5.31 -26.49 -4.09
N GLU A 490 4.50 -26.56 -3.03
CA GLU A 490 3.17 -25.97 -3.01
C GLU A 490 3.31 -24.45 -2.84
N GLU A 491 2.26 -23.72 -3.24
CA GLU A 491 2.24 -22.28 -3.12
C GLU A 491 2.23 -21.91 -1.63
N VAL A 492 2.55 -20.64 -1.34
CA VAL A 492 2.67 -20.17 0.03
C VAL A 492 1.30 -20.22 0.69
N SER A 493 1.28 -20.59 1.97
CA SER A 493 0.06 -20.52 2.77
C SER A 493 0.30 -19.78 4.09
N SER A 494 1.56 -19.62 4.52
CA SER A 494 1.86 -18.93 5.76
C SER A 494 3.26 -18.33 5.70
N LEU A 495 3.47 -17.26 6.49
CA LEU A 495 4.78 -16.66 6.66
C LEU A 495 5.24 -16.76 8.11
N GLU A 496 4.49 -17.49 8.95
CA GLU A 496 4.90 -17.70 10.33
C GLU A 496 5.96 -18.80 10.38
N ASN A 497 6.95 -18.61 11.26
CA ASN A 497 7.91 -19.65 11.62
C ASN A 497 8.70 -20.10 10.38
N LEU A 498 9.07 -19.13 9.54
CA LEU A 498 9.85 -19.39 8.35
C LEU A 498 11.31 -19.57 8.73
N SER A 499 11.97 -20.58 8.15
CA SER A 499 13.41 -20.74 8.25
C SER A 499 13.93 -21.60 7.11
N LEU A 500 15.24 -21.50 6.84
CA LEU A 500 15.88 -22.16 5.71
C LEU A 500 15.77 -23.68 5.84
N ALA A 501 16.04 -24.20 7.04
CA ALA A 501 16.18 -25.63 7.25
C ALA A 501 14.83 -26.34 7.15
N ASP A 502 13.73 -25.65 7.49
CA ASP A 502 12.42 -26.26 7.55
C ASP A 502 11.89 -26.49 6.13
N PHE A 503 12.38 -27.55 5.49
CA PHE A 503 12.08 -27.83 4.09
C PHE A 503 11.37 -29.17 3.99
N PRO A 504 10.32 -29.32 3.15
CA PRO A 504 9.58 -30.58 3.05
C PRO A 504 10.39 -31.70 2.39
N ALA A 505 10.13 -32.94 2.83
CA ALA A 505 10.83 -34.12 2.33
C ALA A 505 10.22 -34.59 1.01
N ASP A 506 11.01 -35.38 0.25
CA ASP A 506 10.57 -36.10 -0.93
C ASP A 506 10.03 -35.14 -1.99
N VAL A 507 10.81 -34.09 -2.27
CA VAL A 507 10.43 -33.08 -3.24
C VAL A 507 11.16 -33.37 -4.56
N THR A 508 10.42 -33.25 -5.66
CA THR A 508 10.95 -33.43 -7.01
C THR A 508 10.67 -32.16 -7.82
N VAL A 509 11.69 -31.68 -8.54
CA VAL A 509 11.57 -30.47 -9.34
C VAL A 509 11.01 -30.85 -10.72
N VAL A 510 10.56 -29.83 -11.46
CA VAL A 510 10.05 -30.02 -12.81
C VAL A 510 11.17 -30.56 -13.70
N ALA A 511 10.78 -31.36 -14.69
CA ALA A 511 11.69 -32.01 -15.60
C ALA A 511 12.32 -31.00 -16.56
N LYS A 512 11.57 -29.94 -16.90
CA LYS A 512 12.09 -28.88 -17.75
C LYS A 512 11.66 -27.52 -17.20
N GLY A 513 12.62 -26.61 -17.13
CA GLY A 513 12.41 -25.30 -16.52
C GLY A 513 11.85 -24.30 -17.51
N THR A 514 11.06 -23.35 -17.00
CA THR A 514 10.51 -22.25 -17.78
C THR A 514 11.05 -20.93 -17.22
N PRO A 515 11.42 -19.94 -18.06
CA PRO A 515 11.77 -18.62 -17.54
C PRO A 515 10.57 -17.92 -16.91
N ILE A 516 10.76 -17.38 -15.70
CA ILE A 516 9.70 -16.71 -14.97
C ILE A 516 9.64 -15.24 -15.39
N PHE A 517 10.74 -14.73 -15.98
CA PHE A 517 10.79 -13.35 -16.42
C PHE A 517 11.18 -13.29 -17.89
N PRO A 518 10.84 -12.18 -18.59
CA PRO A 518 11.24 -12.01 -19.99
C PRO A 518 12.71 -11.63 -20.14
N ARG A 519 13.29 -12.06 -21.27
CA ARG A 519 14.62 -11.64 -21.69
C ARG A 519 14.43 -10.43 -22.61
N LEU A 520 14.77 -9.24 -22.12
CA LEU A 520 14.39 -8.00 -22.78
C LEU A 520 15.48 -7.54 -23.75
N ASN A 521 15.03 -6.89 -24.83
CA ASN A 521 15.86 -6.05 -25.66
C ASN A 521 15.87 -4.67 -25.01
N MET A 522 16.89 -4.39 -24.18
CA MET A 522 16.83 -3.29 -23.23
C MET A 522 16.71 -1.93 -23.94
N GLU A 523 17.41 -1.75 -25.05
CA GLU A 523 17.37 -0.49 -25.77
C GLU A 523 15.99 -0.27 -26.39
N GLU A 524 15.42 -1.33 -26.95
CA GLU A 524 14.13 -1.28 -27.64
C GLU A 524 13.02 -0.97 -26.65
N GLU A 525 13.06 -1.64 -25.50
CA GLU A 525 12.04 -1.52 -24.47
C GLU A 525 12.03 -0.12 -23.86
N ILE A 526 13.23 0.45 -23.65
CA ILE A 526 13.35 1.82 -23.19
C ILE A 526 12.72 2.76 -24.21
N ALA A 527 13.04 2.55 -25.49
CA ALA A 527 12.52 3.36 -26.57
C ALA A 527 11.01 3.20 -26.71
N TYR A 528 10.50 2.00 -26.39
CA TYR A 528 9.07 1.73 -26.43
C TYR A 528 8.34 2.49 -25.33
N ILE A 529 8.91 2.50 -24.12
N ILE A 529 8.92 2.48 -24.11
CA ILE A 529 8.30 3.17 -22.98
CA ILE A 529 8.34 3.17 -22.97
C ILE A 529 8.27 4.68 -23.22
C ILE A 529 8.26 4.67 -23.26
N LYS A 530 9.37 5.23 -23.75
CA LYS A 530 9.47 6.65 -24.04
C LYS A 530 8.48 7.05 -25.12
N GLU A 531 8.25 6.15 -26.08
CA GLU A 531 7.33 6.40 -27.18
C GLU A 531 5.89 6.50 -26.65
N GLN A 532 5.53 5.61 -25.71
CA GLN A 532 4.19 5.57 -25.15
C GLN A 532 3.94 6.80 -24.29
N MET A 533 4.99 7.32 -23.65
CA MET A 533 4.87 8.47 -22.74
C MET A 533 4.64 9.75 -23.53
N GLU A 534 5.40 9.94 -24.61
CA GLU A 534 5.33 11.15 -25.42
C GLU A 534 4.04 11.14 -26.24
N GLY A 535 3.81 10.07 -27.00
CA GLY A 535 2.64 9.95 -27.84
C GLY A 535 1.37 9.88 -27.00
#